data_3QH8
#
_entry.id   3QH8
#
_cell.length_a   73.210
_cell.length_b   75.530
_cell.length_c   98.940
_cell.angle_alpha   90.00
_cell.angle_beta   90.00
_cell.angle_gamma   90.00
#
_symmetry.space_group_name_H-M   'C 2 2 21'
#
loop_
_entity.id
_entity.type
_entity.pdbx_description
1 polymer Beta-lactamase-like
2 non-polymer 'MANGANESE (II) ION'
3 non-polymer 'POTASSIUM ION'
4 non-polymer 'ADENOSINE MONOPHOSPHATE'
5 non-polymer 1,2-ETHANEDIOL
6 non-polymer 'L(+)-TARTARIC ACID'
7 water water
#
_entity_poly.entity_id   1
_entity_poly.type   'polypeptide(L)'
_entity_poly.pdbx_seq_one_letter_code
;GSMTSPRNCLRFTLLGCGSSPGVPRINGDWGKCDPKNPKNRRRRASLLVERYDAEGNNTVVVIDTGPDFRMQMIDSGVHM
LDAAVYTHPHADHIHGIDDLRTYVVDNGRLMDVYANRLTRNRLYDTFGYCFETPVGSSYPPILSMHDIAPETPFSIEGAG
GAIRFEPFSQVHGDIESLGFRIGSVVYCTDVSAFPEQSLQYIKDADVLIIGALQYRPHPSHFSLGEALEWIEKLSPKRAI
LTHMHVPLDYETVMRETPHHVEPGYDGLRFEVAV
;
_entity_poly.pdbx_strand_id   A
#
loop_
_chem_comp.id
_chem_comp.type
_chem_comp.name
_chem_comp.formula
AMP non-polymer 'ADENOSINE MONOPHOSPHATE' 'C10 H14 N5 O7 P'
EDO non-polymer 1,2-ETHANEDIOL 'C2 H6 O2'
K non-polymer 'POTASSIUM ION' 'K 1'
MN non-polymer 'MANGANESE (II) ION' 'Mn 2'
TLA non-polymer 'L(+)-TARTARIC ACID' 'C4 H6 O6'
#
# COMPACT_ATOMS: atom_id res chain seq x y z
N MET A 3 -25.74 6.43 13.99
CA MET A 3 -24.53 7.01 13.35
C MET A 3 -24.16 6.19 12.09
N THR A 4 -24.17 6.85 10.92
CA THR A 4 -24.01 6.15 9.64
C THR A 4 -22.73 6.51 8.85
N SER A 5 -21.79 7.22 9.48
CA SER A 5 -20.44 7.52 8.90
C SER A 5 -19.37 7.03 9.87
N PRO A 6 -18.07 6.93 9.45
CA PRO A 6 -17.11 6.30 10.38
C PRO A 6 -16.77 7.20 11.57
N ARG A 7 -16.61 6.59 12.74
CA ARG A 7 -16.25 7.30 13.98
C ARG A 7 -15.37 6.43 14.84
N ASN A 8 -14.45 7.06 15.56
CA ASN A 8 -13.63 6.37 16.55
C ASN A 8 -12.99 5.09 16.02
N CYS A 9 -12.31 5.17 14.89
CA CYS A 9 -11.77 3.96 14.25
C CYS A 9 -10.61 4.30 13.34
N LEU A 10 -9.88 3.24 12.95
CA LEU A 10 -9.04 3.25 11.77
C LEU A 10 -9.84 2.58 10.66
N ARG A 11 -9.73 3.11 9.46
CA ARG A 11 -10.41 2.52 8.30
C ARG A 11 -9.39 2.30 7.19
N PHE A 12 -9.35 1.07 6.68
CA PHE A 12 -8.40 0.67 5.65
C PHE A 12 -9.15 0.36 4.37
N THR A 13 -8.63 0.84 3.25
CA THR A 13 -9.18 0.55 1.92
C THR A 13 -8.07 0.01 1.02
N LEU A 14 -8.25 -1.18 0.49
CA LEU A 14 -7.33 -1.77 -0.47
C LEU A 14 -7.61 -1.12 -1.84
N LEU A 15 -6.83 -0.10 -2.18
CA LEU A 15 -7.00 0.67 -3.40
C LEU A 15 -6.66 -0.12 -4.66
N GLY A 16 -5.65 -0.96 -4.52
CA GLY A 16 -5.23 -1.84 -5.59
C GLY A 16 -4.66 -3.09 -5.02
N CYS A 17 -4.91 -4.20 -5.71
CA CYS A 17 -4.42 -5.52 -5.26
C CYS A 17 -3.73 -6.33 -6.35
N GLY A 18 -3.37 -5.69 -7.45
CA GLY A 18 -2.73 -6.35 -8.60
C GLY A 18 -1.20 -6.26 -8.63
N SER A 19 -0.62 -7.09 -9.49
CA SER A 19 0.79 -7.10 -9.86
C SER A 19 1.13 -5.93 -10.77
N SER A 20 2.40 -5.77 -11.11
CA SER A 20 2.84 -4.59 -11.81
C SER A 20 2.14 -4.26 -13.17
N PRO A 21 1.72 -5.26 -13.97
CA PRO A 21 1.02 -4.88 -15.22
C PRO A 21 -0.50 -4.76 -15.05
N GLY A 22 -0.99 -4.97 -13.84
CA GLY A 22 -2.43 -4.97 -13.56
C GLY A 22 -3.08 -6.25 -14.08
N VAL A 23 -4.37 -6.41 -13.80
CA VAL A 23 -5.19 -7.49 -14.39
C VAL A 23 -6.43 -6.86 -14.98
N PRO A 24 -6.69 -7.03 -16.28
CA PRO A 24 -5.85 -7.71 -17.28
C PRO A 24 -4.60 -6.89 -17.59
N ARG A 25 -3.64 -7.52 -18.25
CA ARG A 25 -2.51 -6.75 -18.77
C ARG A 25 -3.04 -5.77 -19.84
N ILE A 26 -2.20 -4.82 -20.20
CA ILE A 26 -2.58 -3.77 -21.19
C ILE A 26 -3.03 -4.34 -22.54
N ASN A 27 -2.54 -5.53 -22.90
CA ASN A 27 -2.92 -6.25 -24.14
C ASN A 27 -4.19 -7.10 -24.01
N GLY A 28 -4.92 -6.92 -22.92
CA GLY A 28 -6.18 -7.61 -22.72
C GLY A 28 -6.06 -9.04 -22.15
N ASP A 29 -4.86 -9.45 -21.75
CA ASP A 29 -4.61 -10.81 -21.19
C ASP A 29 -5.09 -10.92 -19.74
N TRP A 30 -6.13 -11.72 -19.54
CA TRP A 30 -6.63 -12.00 -18.20
C TRP A 30 -5.99 -13.23 -17.53
N GLY A 31 -5.09 -13.93 -18.22
CA GLY A 31 -4.51 -15.14 -17.65
C GLY A 31 -5.57 -16.19 -17.34
N LYS A 32 -5.56 -16.71 -16.11
CA LYS A 32 -6.54 -17.68 -15.66
C LYS A 32 -7.72 -17.03 -14.91
N CYS A 33 -7.76 -15.70 -14.88
CA CYS A 33 -8.85 -14.99 -14.21
C CYS A 33 -10.13 -14.97 -15.00
N ASP A 34 -11.26 -15.18 -14.33
CA ASP A 34 -12.59 -15.09 -14.96
C ASP A 34 -12.89 -13.64 -15.27
N PRO A 35 -12.94 -13.26 -16.57
CA PRO A 35 -13.11 -11.84 -16.91
C PRO A 35 -14.46 -11.27 -16.54
N LYS A 36 -15.42 -12.16 -16.28
CA LYS A 36 -16.75 -11.75 -15.86
C LYS A 36 -16.89 -11.38 -14.37
N ASN A 37 -15.90 -11.70 -13.53
CA ASN A 37 -15.92 -11.34 -12.12
C ASN A 37 -15.21 -10.02 -11.94
N PRO A 38 -15.94 -8.96 -11.58
CA PRO A 38 -15.29 -7.67 -11.43
C PRO A 38 -14.17 -7.65 -10.41
N LYS A 39 -14.21 -8.55 -9.43
CA LYS A 39 -13.12 -8.62 -8.46
C LYS A 39 -11.76 -9.01 -9.07
N ASN A 40 -11.75 -9.56 -10.27
CA ASN A 40 -10.49 -9.85 -10.95
C ASN A 40 -9.90 -8.69 -11.73
N ARG A 41 -10.61 -7.57 -11.88
CA ARG A 41 -10.02 -6.39 -12.51
C ARG A 41 -9.21 -5.71 -11.39
N ARG A 42 -7.90 -5.70 -11.55
CA ARG A 42 -6.99 -5.24 -10.49
C ARG A 42 -6.11 -4.06 -10.90
N ARG A 43 -6.17 -3.01 -10.09
CA ARG A 43 -5.26 -1.88 -10.19
C ARG A 43 -3.96 -2.20 -9.43
N ARG A 44 -2.97 -1.35 -9.62
CA ARG A 44 -1.64 -1.54 -8.99
C ARG A 44 -1.71 -1.28 -7.49
N ALA A 45 -0.83 -1.97 -6.76
CA ALA A 45 -0.98 -2.19 -5.30
C ALA A 45 -0.83 -0.90 -4.50
N SER A 46 -1.80 -0.62 -3.63
CA SER A 46 -1.78 0.58 -2.79
C SER A 46 -2.80 0.41 -1.67
N LEU A 47 -2.59 1.10 -0.53
CA LEU A 47 -3.46 0.99 0.65
C LEU A 47 -3.78 2.40 1.16
N LEU A 48 -5.05 2.66 1.44
CA LEU A 48 -5.42 3.91 2.07
C LEU A 48 -5.66 3.65 3.57
N VAL A 49 -5.10 4.53 4.42
CA VAL A 49 -5.17 4.42 5.88
C VAL A 49 -5.80 5.70 6.41
N GLU A 50 -6.89 5.58 7.16
CA GLU A 50 -7.60 6.71 7.74
C GLU A 50 -7.80 6.52 9.24
N ARG A 51 -7.73 7.61 9.99
CA ARG A 51 -8.18 7.59 11.39
C ARG A 51 -9.31 8.59 11.52
N TYR A 52 -10.42 8.16 12.09
CA TYR A 52 -11.58 9.00 12.43
C TYR A 52 -11.74 9.18 13.90
N ASP A 53 -11.99 10.42 14.30
CA ASP A 53 -12.31 10.75 15.69
C ASP A 53 -13.81 10.61 16.00
N ALA A 54 -14.23 11.09 17.18
CA ALA A 54 -15.64 10.94 17.60
C ALA A 54 -16.63 11.76 16.80
N GLU A 55 -16.17 12.84 16.20
CA GLU A 55 -17.00 13.67 15.33
C GLU A 55 -16.86 13.36 13.85
N GLY A 56 -16.09 12.34 13.49
CA GLY A 56 -15.94 11.98 12.11
C GLY A 56 -14.90 12.76 11.32
N ASN A 57 -14.09 13.57 12.01
CA ASN A 57 -12.90 14.20 11.39
C ASN A 57 -11.88 13.12 11.06
N ASN A 58 -11.18 13.26 9.93
CA ASN A 58 -10.21 12.22 9.51
C ASN A 58 -8.79 12.71 9.19
N THR A 59 -7.83 11.85 9.53
CA THR A 59 -6.43 11.89 9.05
C THR A 59 -6.32 10.82 7.98
N VAL A 60 -5.74 11.16 6.84
CA VAL A 60 -5.74 10.31 5.66
C VAL A 60 -4.31 10.17 5.14
N VAL A 61 -3.85 8.92 5.00
CA VAL A 61 -2.51 8.61 4.51
C VAL A 61 -2.60 7.52 3.47
N VAL A 62 -1.92 7.71 2.34
CA VAL A 62 -1.82 6.66 1.28
C VAL A 62 -0.45 5.99 1.31
N ILE A 63 -0.44 4.68 1.15
CA ILE A 63 0.80 3.90 0.97
C ILE A 63 0.93 3.57 -0.51
N ASP A 64 1.94 4.20 -1.11
CA ASP A 64 2.31 4.15 -2.53
C ASP A 64 1.37 4.92 -3.47
N THR A 65 1.95 5.58 -4.47
CA THR A 65 1.19 6.37 -5.48
C THR A 65 1.59 5.87 -6.87
N GLY A 66 1.00 4.72 -7.26
CA GLY A 66 1.28 4.13 -8.58
C GLY A 66 0.48 4.77 -9.69
N PRO A 67 0.48 4.19 -10.89
CA PRO A 67 -0.18 4.84 -11.99
C PRO A 67 -1.69 4.93 -11.85
N ASP A 68 -2.29 4.10 -11.01
CA ASP A 68 -3.71 4.13 -10.78
C ASP A 68 -4.17 5.07 -9.66
N PHE A 69 -3.23 5.80 -9.05
CA PHE A 69 -3.50 6.64 -7.89
C PHE A 69 -4.70 7.59 -8.05
N ARG A 70 -4.79 8.32 -9.17
CA ARG A 70 -5.90 9.25 -9.35
C ARG A 70 -7.28 8.53 -9.31
N MET A 71 -7.44 7.47 -10.08
CA MET A 71 -8.71 6.75 -10.10
CA MET A 71 -8.71 6.74 -10.10
C MET A 71 -8.99 6.07 -8.75
N GLN A 72 -7.94 5.59 -8.07
CA GLN A 72 -8.08 4.98 -6.76
C GLN A 72 -8.67 5.98 -5.78
N MET A 73 -8.13 7.19 -5.76
CA MET A 73 -8.63 8.20 -4.82
C MET A 73 -10.05 8.65 -5.17
N ILE A 74 -10.30 8.90 -6.44
CA ILE A 74 -11.66 9.28 -6.87
C ILE A 74 -12.65 8.23 -6.43
N ASP A 75 -12.38 6.95 -6.70
CA ASP A 75 -13.35 5.87 -6.37
C ASP A 75 -13.47 5.59 -4.87
N SER A 76 -12.49 6.02 -4.09
CA SER A 76 -12.50 5.85 -2.62
C SER A 76 -13.52 6.76 -1.96
N GLY A 77 -13.89 7.85 -2.61
CA GLY A 77 -14.77 8.82 -1.98
C GLY A 77 -14.12 9.73 -0.96
N VAL A 78 -12.81 9.56 -0.75
CA VAL A 78 -12.06 10.35 0.24
C VAL A 78 -11.38 11.47 -0.59
N HIS A 79 -11.65 12.75 -0.26
CA HIS A 79 -11.30 13.90 -1.13
C HIS A 79 -10.19 14.76 -0.57
N MET A 80 -9.50 14.28 0.47
CA MET A 80 -8.40 15.01 1.07
CA MET A 80 -8.38 15.03 1.03
C MET A 80 -7.29 14.02 1.40
N LEU A 81 -6.07 14.53 1.57
CA LEU A 81 -4.92 13.71 1.88
C LEU A 81 -3.91 14.47 2.74
N ASP A 82 -3.41 13.84 3.79
CA ASP A 82 -2.38 14.43 4.65
C ASP A 82 -0.93 14.05 4.32
N ALA A 83 -0.70 12.85 3.78
CA ALA A 83 0.63 12.36 3.52
C ALA A 83 0.62 11.16 2.63
N ALA A 84 1.78 10.92 1.99
CA ALA A 84 2.04 9.67 1.22
C ALA A 84 3.26 8.98 1.81
N VAL A 85 3.22 7.66 1.94
CA VAL A 85 4.31 6.82 2.51
C VAL A 85 4.64 5.79 1.45
N TYR A 86 5.93 5.60 1.18
CA TYR A 86 6.41 4.72 0.13
C TYR A 86 7.09 3.46 0.64
N THR A 87 6.80 2.34 -0.03
CA THR A 87 7.46 1.05 0.24
C THR A 87 8.85 0.89 -0.43
N HIS A 88 8.96 1.27 -1.71
CA HIS A 88 10.14 1.04 -2.52
C HIS A 88 9.94 1.72 -3.88
N PRO A 89 11.03 1.95 -4.63
CA PRO A 89 10.93 2.77 -5.86
C PRO A 89 10.82 1.97 -7.14
N HIS A 90 9.80 1.15 -7.21
CA HIS A 90 9.42 0.48 -8.46
C HIS A 90 8.24 1.21 -9.12
N ALA A 91 8.23 1.21 -10.46
CA ALA A 91 7.22 1.92 -11.26
C ALA A 91 5.78 1.85 -10.79
N ASP A 92 5.35 0.64 -10.46
CA ASP A 92 3.97 0.37 -10.07
C ASP A 92 3.57 0.98 -8.72
N HIS A 93 4.56 1.51 -7.97
CA HIS A 93 4.37 2.11 -6.67
C HIS A 93 4.64 3.62 -6.63
N ILE A 94 5.21 4.21 -7.70
CA ILE A 94 5.61 5.61 -7.65
C ILE A 94 5.21 6.47 -8.86
N HIS A 95 4.83 5.89 -10.00
CA HIS A 95 4.66 6.69 -11.23
C HIS A 95 3.37 7.55 -11.26
N GLY A 96 2.55 7.48 -10.23
CA GLY A 96 1.44 8.42 -10.09
C GLY A 96 1.70 9.63 -9.23
N ILE A 97 2.95 9.86 -8.86
CA ILE A 97 3.31 10.90 -7.90
C ILE A 97 2.87 12.33 -8.31
N ASP A 98 2.83 12.63 -9.59
CA ASP A 98 2.50 13.99 -10.05
C ASP A 98 1.09 14.37 -9.61
N ASP A 99 0.24 13.35 -9.45
CA ASP A 99 -1.17 13.61 -9.12
C ASP A 99 -1.37 14.09 -7.66
N LEU A 100 -0.31 14.11 -6.84
CA LEU A 100 -0.39 14.76 -5.55
C LEU A 100 -0.57 16.29 -5.67
N ARG A 101 -0.28 16.90 -6.84
CA ARG A 101 -0.34 18.36 -7.03
CA ARG A 101 -0.30 18.38 -6.95
C ARG A 101 -1.64 19.00 -6.52
N THR A 102 -2.78 18.39 -6.85
CA THR A 102 -4.07 18.97 -6.48
C THR A 102 -4.22 19.21 -5.00
N TYR A 103 -3.75 18.27 -4.19
CA TYR A 103 -3.86 18.40 -2.73
C TYR A 103 -3.01 19.53 -2.17
N VAL A 104 -1.90 19.85 -2.86
CA VAL A 104 -1.00 20.90 -2.41
C VAL A 104 -1.72 22.23 -2.49
N VAL A 105 -2.45 22.43 -3.60
CA VAL A 105 -3.29 23.59 -3.72
C VAL A 105 -4.41 23.62 -2.63
N ASP A 106 -5.09 22.51 -2.39
CA ASP A 106 -6.14 22.46 -1.37
C ASP A 106 -5.64 22.70 0.06
N ASN A 107 -4.49 22.12 0.37
CA ASN A 107 -3.97 22.19 1.74
C ASN A 107 -3.19 23.48 1.98
N GLY A 108 -2.76 24.14 0.92
CA GLY A 108 -1.97 25.38 1.05
C GLY A 108 -0.55 25.17 1.55
N ARG A 109 -0.07 23.94 1.44
CA ARG A 109 1.28 23.59 1.88
CA ARG A 109 1.28 23.60 1.86
C ARG A 109 1.76 22.37 1.11
N LEU A 110 3.07 22.21 1.05
CA LEU A 110 3.69 21.07 0.37
C LEU A 110 3.14 19.77 0.93
N MET A 111 3.08 18.75 0.08
CA MET A 111 2.61 17.42 0.53
C MET A 111 3.75 16.71 1.20
N ASP A 112 3.50 16.26 2.43
CA ASP A 112 4.51 15.51 3.18
C ASP A 112 4.60 14.10 2.60
N VAL A 113 5.80 13.70 2.22
CA VAL A 113 6.05 12.33 1.75
C VAL A 113 7.13 11.67 2.62
N TYR A 114 6.99 10.36 2.81
CA TYR A 114 7.84 9.59 3.71
C TYR A 114 8.49 8.47 2.94
N ALA A 115 9.82 8.36 2.97
CA ALA A 115 10.54 7.32 2.21
C ALA A 115 11.90 7.03 2.86
N ASN A 116 12.39 5.82 2.70
CA ASN A 116 13.76 5.52 3.12
C ASN A 116 14.78 6.14 2.15
N ARG A 117 16.05 6.08 2.50
CA ARG A 117 17.07 6.71 1.66
CA ARG A 117 17.09 6.68 1.67
C ARG A 117 17.10 6.15 0.23
N LEU A 118 17.03 4.83 0.08
CA LEU A 118 17.03 4.23 -1.26
C LEU A 118 15.91 4.77 -2.13
N THR A 119 14.72 4.84 -1.57
CA THR A 119 13.52 5.28 -2.30
C THR A 119 13.62 6.76 -2.60
N ARG A 120 13.99 7.55 -1.59
CA ARG A 120 14.10 8.99 -1.72
C ARG A 120 15.07 9.37 -2.82
N ASN A 121 16.22 8.72 -2.85
CA ASN A 121 17.29 9.07 -3.80
C ASN A 121 16.79 8.75 -5.23
N ARG A 122 16.00 7.69 -5.42
CA ARG A 122 15.42 7.37 -6.75
C ARG A 122 14.31 8.36 -7.15
N LEU A 123 13.47 8.78 -6.20
CA LEU A 123 12.45 9.81 -6.45
C LEU A 123 13.11 11.15 -6.87
N TYR A 124 14.21 11.50 -6.24
CA TYR A 124 14.94 12.71 -6.62
C TYR A 124 15.50 12.65 -8.03
N ASP A 125 15.95 11.47 -8.43
CA ASP A 125 16.44 11.23 -9.79
C ASP A 125 15.40 11.35 -10.88
N THR A 126 14.24 10.81 -10.62
CA THR A 126 13.29 10.59 -11.67
C THR A 126 12.17 11.64 -11.60
N PHE A 127 11.95 12.24 -10.42
CA PHE A 127 10.90 13.22 -10.20
C PHE A 127 11.43 14.50 -9.50
N GLY A 128 12.63 14.90 -9.86
CA GLY A 128 13.30 16.03 -9.21
C GLY A 128 12.46 17.29 -9.20
N TYR A 129 11.70 17.52 -10.28
CA TYR A 129 10.90 18.74 -10.40
C TYR A 129 9.80 18.85 -9.33
N CYS A 130 9.48 17.73 -8.68
CA CYS A 130 8.51 17.75 -7.58
C CYS A 130 9.12 18.33 -6.28
N PHE A 131 10.45 18.36 -6.22
CA PHE A 131 11.19 18.81 -5.02
C PHE A 131 11.87 20.14 -5.17
N GLU A 132 12.34 20.42 -6.39
CA GLU A 132 13.11 21.61 -6.73
C GLU A 132 12.81 22.03 -8.17
N THR A 133 12.51 23.31 -8.39
CA THR A 133 12.30 23.85 -9.75
C THR A 133 13.60 23.76 -10.58
N PRO A 134 13.56 23.03 -11.71
CA PRO A 134 14.74 22.95 -12.56
C PRO A 134 14.98 24.21 -13.41
N VAL A 135 16.17 24.27 -14.00
CA VAL A 135 16.49 25.33 -14.95
C VAL A 135 15.44 25.34 -16.07
N GLY A 136 14.99 26.54 -16.44
CA GLY A 136 14.05 26.73 -17.54
C GLY A 136 12.58 26.52 -17.21
N SER A 137 12.27 26.36 -15.91
CA SER A 137 10.88 26.10 -15.46
C SER A 137 10.37 27.12 -14.47
N SER A 138 9.06 27.34 -14.43
CA SER A 138 8.44 28.20 -13.40
C SER A 138 7.51 27.41 -12.46
N TYR A 139 7.48 26.08 -12.57
CA TYR A 139 6.62 25.26 -11.70
C TYR A 139 7.23 25.15 -10.31
N PRO A 140 6.50 25.61 -9.27
CA PRO A 140 6.98 25.42 -7.90
C PRO A 140 7.04 23.93 -7.50
N PRO A 141 7.92 23.59 -6.55
CA PRO A 141 7.88 22.20 -6.05
C PRO A 141 6.58 21.94 -5.33
N ILE A 142 6.24 20.66 -5.17
CA ILE A 142 5.01 20.23 -4.52
C ILE A 142 5.18 19.31 -3.30
N LEU A 143 6.37 18.76 -3.08
CA LEU A 143 6.61 17.76 -2.03
C LEU A 143 7.62 18.21 -0.98
N SER A 144 7.38 17.70 0.24
CA SER A 144 8.24 17.87 1.40
C SER A 144 8.65 16.47 1.91
N MET A 145 9.95 16.18 1.87
CA MET A 145 10.49 14.84 2.17
C MET A 145 10.85 14.62 3.62
N HIS A 146 10.43 13.47 4.16
CA HIS A 146 10.76 12.99 5.49
C HIS A 146 11.37 11.59 5.41
N ASP A 147 12.45 11.35 6.16
CA ASP A 147 13.07 10.05 6.23
C ASP A 147 12.31 9.06 7.11
N ILE A 148 12.23 7.82 6.65
CA ILE A 148 11.85 6.70 7.46
C ILE A 148 12.86 5.55 7.32
N ALA A 149 12.89 4.71 8.33
CA ALA A 149 13.85 3.61 8.34
C ALA A 149 13.28 2.45 9.16
N PRO A 150 13.64 1.21 8.81
CA PRO A 150 13.14 0.10 9.56
C PRO A 150 13.41 0.21 11.05
N GLU A 151 12.44 -0.25 11.83
CA GLU A 151 12.50 -0.35 13.28
C GLU A 151 12.46 1.00 14.00
N THR A 152 12.11 2.07 13.30
CA THR A 152 11.93 3.38 13.88
C THR A 152 10.49 3.86 13.64
N PRO A 153 9.64 3.79 14.67
CA PRO A 153 8.29 4.28 14.43
C PRO A 153 8.18 5.77 14.09
N PHE A 154 7.16 6.12 13.30
CA PHE A 154 6.87 7.51 13.00
C PHE A 154 5.38 7.77 12.99
N SER A 155 4.98 9.01 13.24
CA SER A 155 3.59 9.33 13.33
C SER A 155 3.24 10.45 12.37
N ILE A 156 2.07 10.33 11.75
CA ILE A 156 1.55 11.37 10.86
C ILE A 156 0.37 12.04 11.52
N GLU A 157 0.39 13.37 11.65
CA GLU A 157 -0.71 14.11 12.32
C GLU A 157 -1.77 14.58 11.32
N GLY A 158 -3.00 14.72 11.80
CA GLY A 158 -4.06 15.28 11.00
C GLY A 158 -5.32 15.49 11.82
N ALA A 159 -6.42 15.78 11.13
CA ALA A 159 -7.65 16.19 11.80
C ALA A 159 -8.27 15.11 12.67
N GLY A 160 -8.02 13.84 12.32
CA GLY A 160 -8.54 12.71 13.10
C GLY A 160 -7.64 12.22 14.22
N GLY A 161 -6.51 12.89 14.42
CA GLY A 161 -5.48 12.47 15.35
C GLY A 161 -4.37 11.73 14.60
N ALA A 162 -3.36 11.35 15.35
CA ALA A 162 -2.14 10.80 14.78
C ALA A 162 -2.29 9.35 14.39
N ILE A 163 -1.62 8.99 13.28
CA ILE A 163 -1.54 7.59 12.85
C ILE A 163 -0.09 7.18 13.00
N ARG A 164 0.17 6.19 13.84
CA ARG A 164 1.51 5.70 14.11
C ARG A 164 1.83 4.46 13.26
N PHE A 165 2.93 4.58 12.51
CA PHE A 165 3.44 3.56 11.64
C PHE A 165 4.69 2.94 12.24
N GLU A 166 4.79 1.62 12.14
CA GLU A 166 6.00 0.87 12.54
C GLU A 166 6.60 0.21 11.29
N PRO A 167 7.60 0.83 10.66
CA PRO A 167 8.21 0.26 9.44
C PRO A 167 9.20 -0.85 9.78
N PHE A 168 9.37 -1.78 8.85
CA PHE A 168 10.34 -2.87 9.00
C PHE A 168 10.85 -3.31 7.64
N SER A 169 12.01 -3.97 7.67
CA SER A 169 12.68 -4.40 6.44
CA SER A 169 12.69 -4.44 6.46
C SER A 169 12.08 -5.69 5.84
N GLN A 170 12.04 -5.72 4.52
CA GLN A 170 11.66 -6.90 3.75
C GLN A 170 12.71 -7.11 2.65
N VAL A 171 13.02 -8.37 2.33
CA VAL A 171 13.80 -8.67 1.13
C VAL A 171 12.83 -8.75 -0.05
N HIS A 172 13.19 -8.11 -1.15
CA HIS A 172 12.38 -8.05 -2.37
C HIS A 172 13.29 -8.36 -3.53
N GLY A 173 13.62 -9.63 -3.70
CA GLY A 173 14.59 -10.01 -4.76
C GLY A 173 15.93 -9.33 -4.50
N ASP A 174 16.35 -8.49 -5.44
CA ASP A 174 17.65 -7.80 -5.39
C ASP A 174 17.63 -6.44 -4.66
N ILE A 175 16.50 -6.04 -4.10
CA ILE A 175 16.45 -4.80 -3.29
C ILE A 175 15.67 -5.00 -1.96
N GLU A 176 15.70 -3.99 -1.10
CA GLU A 176 14.91 -4.00 0.14
C GLU A 176 13.63 -3.18 -0.10
N SER A 177 12.51 -3.68 0.44
CA SER A 177 11.30 -2.91 0.52
C SER A 177 10.89 -2.77 1.99
N LEU A 178 9.99 -1.84 2.27
CA LEU A 178 9.46 -1.68 3.60
C LEU A 178 8.04 -2.26 3.71
N GLY A 179 7.81 -2.93 4.82
CA GLY A 179 6.47 -3.20 5.33
C GLY A 179 6.12 -2.30 6.51
N PHE A 180 4.84 -2.24 6.86
CA PHE A 180 4.40 -1.35 7.93
C PHE A 180 3.36 -2.04 8.82
N ARG A 181 3.49 -1.86 10.12
CA ARG A 181 2.40 -2.21 11.05
CA ARG A 181 2.41 -2.21 11.06
C ARG A 181 1.73 -0.92 11.49
N ILE A 182 0.41 -0.92 11.44
CA ILE A 182 -0.43 0.24 11.85
C ILE A 182 -1.45 -0.32 12.82
N GLY A 183 -1.13 -0.19 14.10
CA GLY A 183 -1.97 -0.80 15.15
C GLY A 183 -1.82 -2.30 15.12
N SER A 184 -2.95 -2.91 14.73
N SER A 184 -2.88 -3.06 14.83
CA SER A 184 -3.18 -4.33 14.64
CA SER A 184 -2.72 -4.50 14.63
C SER A 184 -3.17 -4.85 13.21
C SER A 184 -3.07 -4.90 13.20
N VAL A 185 -2.88 -3.98 12.25
CA VAL A 185 -2.99 -4.29 10.83
C VAL A 185 -1.56 -4.18 10.24
N VAL A 186 -1.15 -5.17 9.47
CA VAL A 186 0.20 -5.24 8.88
C VAL A 186 0.08 -5.30 7.35
N TYR A 187 0.92 -4.51 6.68
CA TYR A 187 0.93 -4.39 5.20
C TYR A 187 2.30 -4.80 4.68
N CYS A 188 2.37 -5.94 4.02
CA CYS A 188 3.63 -6.56 3.51
C CYS A 188 3.48 -6.90 2.03
N THR A 189 3.81 -5.96 1.15
CA THR A 189 3.76 -6.16 -0.31
C THR A 189 5.21 -6.18 -0.82
N ASP A 190 5.40 -6.78 -1.99
CA ASP A 190 6.71 -6.80 -2.64
C ASP A 190 7.78 -7.37 -1.72
N VAL A 191 7.56 -8.61 -1.37
CA VAL A 191 8.44 -9.30 -0.43
C VAL A 191 8.67 -10.74 -0.85
N SER A 192 9.93 -11.15 -0.84
CA SER A 192 10.30 -12.52 -1.14
C SER A 192 10.88 -13.27 0.07
N ALA A 193 11.24 -12.55 1.12
CA ALA A 193 11.73 -13.13 2.39
C ALA A 193 11.63 -12.13 3.50
N PHE A 194 11.39 -12.62 4.71
CA PHE A 194 11.37 -11.76 5.90
C PHE A 194 12.64 -11.97 6.70
N PRO A 195 13.43 -10.89 6.92
CA PRO A 195 14.54 -10.97 7.85
C PRO A 195 14.11 -11.27 9.30
N GLU A 196 14.98 -11.95 10.07
CA GLU A 196 14.63 -12.31 11.45
C GLU A 196 14.20 -11.12 12.32
N GLN A 197 14.82 -9.96 12.15
CA GLN A 197 14.51 -8.81 12.98
C GLN A 197 13.13 -8.22 12.68
N SER A 198 12.52 -8.61 11.56
CA SER A 198 11.19 -8.07 11.21
C SER A 198 10.04 -8.87 11.77
N LEU A 199 10.31 -10.07 12.28
CA LEU A 199 9.27 -10.98 12.71
C LEU A 199 8.37 -10.43 13.80
N GLN A 200 8.94 -9.67 14.73
CA GLN A 200 8.15 -9.08 15.80
C GLN A 200 7.03 -8.16 15.32
N TYR A 201 7.19 -7.55 14.13
CA TYR A 201 6.21 -6.63 13.63
C TYR A 201 5.06 -7.32 12.89
N ILE A 202 5.31 -8.54 12.42
CA ILE A 202 4.40 -9.25 11.52
CA ILE A 202 4.37 -9.23 11.53
C ILE A 202 3.57 -10.34 12.24
N LYS A 203 4.05 -10.80 13.39
CA LYS A 203 3.35 -11.82 14.17
C LYS A 203 2.12 -11.25 14.91
N ASP A 204 1.11 -12.09 15.05
CA ASP A 204 -0.08 -11.80 15.88
C ASP A 204 -0.89 -10.58 15.44
N ALA A 205 -1.01 -10.42 14.11
CA ALA A 205 -1.77 -9.31 13.56
C ALA A 205 -3.26 -9.67 13.62
N ASP A 206 -4.10 -8.66 13.82
CA ASP A 206 -5.53 -8.83 13.58
C ASP A 206 -5.81 -9.02 12.10
N VAL A 207 -5.13 -8.24 11.22
CA VAL A 207 -5.25 -8.41 9.76
C VAL A 207 -3.83 -8.33 9.15
N LEU A 208 -3.41 -9.39 8.46
CA LEU A 208 -2.15 -9.41 7.72
C LEU A 208 -2.47 -9.30 6.24
N ILE A 209 -1.99 -8.23 5.60
CA ILE A 209 -2.18 -8.03 4.15
C ILE A 209 -0.83 -8.36 3.56
N ILE A 210 -0.78 -9.43 2.79
CA ILE A 210 0.50 -10.05 2.37
C ILE A 210 0.51 -10.35 0.86
N GLY A 211 1.61 -10.01 0.20
CA GLY A 211 1.73 -10.27 -1.24
C GLY A 211 1.87 -11.74 -1.56
N ALA A 212 1.10 -12.17 -2.55
CA ALA A 212 1.16 -13.54 -3.12
C ALA A 212 0.99 -13.33 -4.62
N LEU A 213 2.05 -13.53 -5.39
CA LEU A 213 2.04 -13.12 -6.79
C LEU A 213 1.30 -14.12 -7.67
N GLN A 214 1.62 -15.40 -7.52
CA GLN A 214 1.17 -16.45 -8.46
C GLN A 214 1.43 -17.81 -7.81
N TYR A 215 1.20 -18.91 -8.56
CA TYR A 215 1.46 -20.24 -7.99
C TYR A 215 2.94 -20.65 -8.07
N ARG A 216 3.56 -20.35 -9.19
CA ARG A 216 4.95 -20.75 -9.44
C ARG A 216 5.92 -19.79 -8.74
N PRO A 217 7.09 -20.27 -8.33
CA PRO A 217 8.15 -19.41 -7.76
C PRO A 217 8.51 -18.21 -8.62
N HIS A 218 8.94 -17.13 -7.97
CA HIS A 218 9.37 -15.90 -8.63
C HIS A 218 10.46 -15.31 -7.74
N PRO A 219 11.51 -14.73 -8.34
CA PRO A 219 12.62 -14.25 -7.50
C PRO A 219 12.31 -13.11 -6.53
N SER A 220 11.27 -12.34 -6.78
CA SER A 220 10.98 -11.08 -6.07
CA SER A 220 11.07 -11.16 -5.92
C SER A 220 9.75 -11.11 -5.16
N HIS A 221 8.95 -12.18 -5.25
CA HIS A 221 7.69 -12.26 -4.51
C HIS A 221 7.41 -13.67 -4.03
N PHE A 222 6.66 -13.78 -2.96
CA PHE A 222 6.15 -15.07 -2.51
C PHE A 222 5.17 -15.64 -3.53
N SER A 223 5.28 -16.96 -3.76
CA SER A 223 4.20 -17.71 -4.34
C SER A 223 3.03 -17.86 -3.35
N LEU A 224 1.89 -18.33 -3.83
CA LEU A 224 0.75 -18.53 -2.96
C LEU A 224 1.12 -19.51 -1.83
N GLY A 225 1.79 -20.62 -2.18
CA GLY A 225 2.17 -21.61 -1.16
C GLY A 225 3.11 -21.03 -0.10
N GLU A 226 4.05 -20.19 -0.53
CA GLU A 226 4.99 -19.57 0.41
C GLU A 226 4.26 -18.59 1.34
N ALA A 227 3.35 -17.80 0.78
CA ALA A 227 2.55 -16.89 1.59
C ALA A 227 1.71 -17.65 2.62
N LEU A 228 1.10 -18.76 2.21
CA LEU A 228 0.30 -19.58 3.14
C LEU A 228 1.19 -20.18 4.24
N GLU A 229 2.41 -20.61 3.92
CA GLU A 229 3.37 -21.10 4.93
C GLU A 229 3.66 -20.02 5.95
N TRP A 230 3.90 -18.79 5.49
CA TRP A 230 4.10 -17.69 6.40
C TRP A 230 2.84 -17.38 7.25
N ILE A 231 1.65 -17.43 6.64
CA ILE A 231 0.42 -17.17 7.37
C ILE A 231 0.27 -18.20 8.52
N GLU A 232 0.57 -19.46 8.23
CA GLU A 232 0.52 -20.52 9.26
C GLU A 232 1.50 -20.21 10.42
N LYS A 233 2.70 -19.71 10.12
CA LYS A 233 3.67 -19.39 11.14
C LYS A 233 3.36 -18.15 11.97
N LEU A 234 2.71 -17.16 11.37
CA LEU A 234 2.51 -15.84 11.96
C LEU A 234 1.15 -15.69 12.66
N SER A 235 0.23 -16.63 12.42
CA SER A 235 -1.09 -16.69 13.08
C SER A 235 -1.89 -15.40 13.15
N PRO A 236 -2.03 -14.70 12.00
CA PRO A 236 -2.92 -13.57 12.00
C PRO A 236 -4.37 -14.04 12.18
N LYS A 237 -5.22 -13.22 12.76
CA LYS A 237 -6.64 -13.56 12.85
C LYS A 237 -7.31 -13.69 11.47
N ARG A 238 -6.94 -12.77 10.57
CA ARG A 238 -7.43 -12.76 9.20
C ARG A 238 -6.22 -12.37 8.34
N ALA A 239 -6.13 -12.94 7.15
CA ALA A 239 -5.13 -12.55 6.16
C ALA A 239 -5.84 -12.20 4.84
N ILE A 240 -5.29 -11.18 4.16
CA ILE A 240 -5.77 -10.75 2.85
C ILE A 240 -4.59 -10.77 1.86
N LEU A 241 -4.73 -11.48 0.76
CA LEU A 241 -3.68 -11.56 -0.24
C LEU A 241 -3.73 -10.38 -1.19
N THR A 242 -2.56 -9.84 -1.55
CA THR A 242 -2.46 -8.72 -2.44
C THR A 242 -1.31 -8.91 -3.47
N HIS A 243 -1.15 -7.96 -4.38
CA HIS A 243 -0.12 -8.00 -5.43
C HIS A 243 -0.26 -9.25 -6.25
N MET A 244 -1.52 -9.59 -6.57
CA MET A 244 -1.87 -10.83 -7.28
C MET A 244 -1.90 -10.68 -8.79
N HIS A 245 -1.17 -11.58 -9.46
CA HIS A 245 -0.94 -11.55 -10.92
C HIS A 245 -2.05 -12.38 -11.62
N VAL A 246 -2.01 -12.39 -12.96
CA VAL A 246 -3.05 -13.01 -13.78
C VAL A 246 -3.25 -14.55 -13.61
N PRO A 247 -2.29 -15.32 -13.01
CA PRO A 247 -2.63 -16.73 -12.76
C PRO A 247 -3.63 -16.94 -11.63
N LEU A 248 -3.86 -15.93 -10.79
CA LEU A 248 -4.64 -16.11 -9.54
C LEU A 248 -6.05 -15.54 -9.73
N ASP A 249 -7.03 -16.42 -9.90
CA ASP A 249 -8.45 -16.10 -10.08
C ASP A 249 -9.14 -16.00 -8.69
N TYR A 250 -9.93 -14.95 -8.44
CA TYR A 250 -10.53 -14.73 -7.14
C TYR A 250 -11.27 -15.92 -6.56
N GLU A 251 -12.25 -16.47 -7.30
CA GLU A 251 -13.06 -17.58 -6.79
C GLU A 251 -12.18 -18.81 -6.53
N THR A 252 -11.24 -19.09 -7.43
CA THR A 252 -10.35 -20.24 -7.30
C THR A 252 -9.50 -20.10 -6.03
N VAL A 253 -8.87 -18.94 -5.83
CA VAL A 253 -7.97 -18.75 -4.69
C VAL A 253 -8.79 -18.77 -3.38
N MET A 254 -10.01 -18.23 -3.39
CA MET A 254 -10.87 -18.30 -2.21
CA MET A 254 -10.89 -18.30 -2.22
C MET A 254 -11.05 -19.73 -1.74
N ARG A 255 -11.30 -20.66 -2.69
CA ARG A 255 -11.48 -22.10 -2.36
C ARG A 255 -10.24 -22.79 -1.84
N GLU A 256 -9.11 -22.42 -2.39
CA GLU A 256 -7.80 -23.05 -2.13
C GLU A 256 -7.14 -22.63 -0.85
N THR A 257 -7.74 -21.69 -0.13
CA THR A 257 -7.07 -21.09 0.98
C THR A 257 -7.91 -21.36 2.23
N PRO A 258 -7.28 -21.37 3.45
CA PRO A 258 -8.06 -21.51 4.70
C PRO A 258 -9.15 -20.46 4.90
N HIS A 259 -10.11 -20.73 5.81
CA HIS A 259 -11.25 -19.82 5.96
C HIS A 259 -10.85 -18.41 6.37
N HIS A 260 -9.77 -18.27 7.13
CA HIS A 260 -9.38 -16.96 7.65
C HIS A 260 -8.50 -16.19 6.65
N VAL A 261 -8.28 -16.77 5.48
CA VAL A 261 -7.45 -16.21 4.42
C VAL A 261 -8.30 -15.91 3.19
N GLU A 262 -8.19 -14.71 2.62
CA GLU A 262 -8.89 -14.46 1.35
C GLU A 262 -8.07 -13.64 0.37
N PRO A 263 -8.27 -13.88 -0.92
CA PRO A 263 -7.76 -12.87 -1.86
C PRO A 263 -8.39 -11.50 -1.68
N GLY A 264 -7.58 -10.47 -1.86
CA GLY A 264 -8.10 -9.11 -1.85
C GLY A 264 -8.88 -8.80 -3.12
N TYR A 265 -9.52 -7.64 -3.13
CA TYR A 265 -10.13 -7.06 -4.33
C TYR A 265 -10.08 -5.52 -4.16
N ASP A 266 -10.02 -4.82 -5.29
CA ASP A 266 -9.98 -3.36 -5.25
C ASP A 266 -11.27 -2.81 -4.58
N GLY A 267 -11.06 -1.92 -3.61
CA GLY A 267 -12.13 -1.35 -2.86
C GLY A 267 -12.51 -2.09 -1.55
N LEU A 268 -11.89 -3.22 -1.32
CA LEU A 268 -12.04 -3.94 -0.04
C LEU A 268 -11.79 -2.96 1.12
N ARG A 269 -12.75 -2.85 2.05
CA ARG A 269 -12.69 -1.82 3.08
C ARG A 269 -13.12 -2.41 4.44
N PHE A 270 -12.37 -2.08 5.50
CA PHE A 270 -12.75 -2.52 6.84
C PHE A 270 -12.31 -1.49 7.88
N GLU A 271 -13.02 -1.50 9.01
CA GLU A 271 -12.72 -0.63 10.15
C GLU A 271 -12.23 -1.48 11.33
N VAL A 272 -11.31 -0.91 12.10
CA VAL A 272 -10.84 -1.53 13.35
C VAL A 272 -10.79 -0.49 14.45
N ALA A 273 -10.82 -0.95 15.72
CA ALA A 273 -10.71 -0.04 16.85
C ALA A 273 -9.33 0.60 16.90
N VAL A 274 -9.31 1.84 17.39
CA VAL A 274 -8.08 2.57 17.73
C VAL A 274 -8.01 2.90 19.23
MN MN B . 5.13 -4.16 -7.06
MN MN C . 8.53 -4.16 -6.61
K K D . -10.39 -18.88 1.89
P AMP E . 7.43 -5.98 -9.15
O1P AMP E . 8.59 -5.83 -8.10
O2P AMP E . 7.45 -7.34 -9.79
O3P AMP E . 6.02 -5.69 -8.65
O5' AMP E . 7.54 -4.99 -10.45
C5' AMP E . 8.71 -4.27 -10.86
C4' AMP E . 8.19 -3.04 -11.58
O4' AMP E . 9.19 -2.02 -11.54
C3' AMP E . 7.87 -3.23 -13.04
O3' AMP E . 6.86 -2.26 -13.38
C2' AMP E . 9.20 -2.90 -13.71
O2' AMP E . 9.08 -2.60 -15.10
C1' AMP E . 9.65 -1.74 -12.86
N9 AMP E . 11.11 -1.47 -12.78
C8 AMP E . 12.13 -2.26 -13.18
N7 AMP E . 13.32 -1.65 -12.95
C5 AMP E . 13.03 -0.43 -12.39
C6 AMP E . 13.80 0.72 -11.93
N6 AMP E . 15.15 0.72 -12.01
N1 AMP E . 13.09 1.78 -11.44
C2 AMP E . 11.75 1.77 -11.38
N3 AMP E . 10.96 0.75 -11.79
C4 AMP E . 11.59 -0.35 -12.29
C1 EDO F . 15.86 -3.67 -9.69
O1 EDO F . 14.91 -4.25 -8.79
C2 EDO F . 15.38 -2.26 -10.01
O2 EDO F . 15.11 -1.57 -8.78
O1 TLA G . 7.11 -15.87 -13.49
O11 TLA G . 8.07 -14.02 -14.26
C1 TLA G . 7.05 -14.75 -14.08
C2 TLA G . 5.73 -14.23 -14.60
O2 TLA G . 4.65 -15.14 -14.31
C3 TLA G . 5.80 -14.00 -16.12
O3 TLA G . 5.97 -15.26 -16.80
C4 TLA G . 4.51 -13.36 -16.57
O4 TLA G . 3.63 -14.07 -17.09
O41 TLA G . 4.37 -12.13 -16.40
#